data_4XZW
#
_entry.id   4XZW
#
_cell.length_a   63.251
_cell.length_b   83.248
_cell.length_c   121.603
_cell.angle_alpha   90.00
_cell.angle_beta   90.00
_cell.angle_gamma   90.00
#
_symmetry.space_group_name_H-M   'C 2 2 21'
#
loop_
_entity.id
_entity.type
_entity.pdbx_description
1 polymer 'endo-glucanase chimera C10'
2 non-polymer 1,4,7,10,13,16-HEXAOXACYCLOOCTADECANE
3 non-polymer 'CALCIUM ION'
4 non-polymer '4-(2-HYDROXYETHYL)-1-PIPERAZINE ETHANESULFONIC ACID'
5 water water
#
_entity_poly.entity_id   1
_entity_poly.type   'polypeptide(L)'
_entity_poly.pdbx_seq_one_letter_code
;MTKTPVAKNGQLQVVGTALLNRDGKPFQLRGISTHGLQWFGQFANKDAFQTLRDDWKANVVRLAMYTDPNANGYIAQPEW
LKAKVKEGVEAAKELGMYVIIDWHILNDNDPNLYKEQAKRFFAEMAREYGNTPNVIYEIANEPNGDVTWEEKIRPYADEV
IRTIRSIDRDNLIIVGTGTWSQDVDDVASDPLPYKNIMYALHFYAGTHGQFLRDKANYALSKGTPIFVTEWGTSDASGDG
GVFLDQSREWLKYLDSKTISWVNWSLCDKNEASAALRPGADPHGGWGDDHLSDSGRFIKAKLIEALEHHHHHH
;
_entity_poly.pdbx_strand_id   A
#
# COMPACT_ATOMS: atom_id res chain seq x y z
N LYS A 3 1.73 -19.95 12.58
CA LYS A 3 2.33 -18.76 13.25
C LYS A 3 2.17 -17.52 12.36
N THR A 4 1.78 -16.40 12.97
CA THR A 4 1.35 -15.23 12.19
C THR A 4 2.54 -14.54 11.53
N PRO A 5 2.27 -13.72 10.51
CA PRO A 5 3.38 -13.03 9.86
C PRO A 5 4.20 -12.17 10.81
N VAL A 6 3.55 -11.43 11.69
CA VAL A 6 4.25 -10.55 12.62
C VAL A 6 5.01 -11.35 13.69
N ALA A 7 4.41 -12.44 14.16
CA ALA A 7 5.11 -13.31 15.12
C ALA A 7 6.37 -13.91 14.49
N LYS A 8 6.31 -14.27 13.22
CA LYS A 8 7.47 -14.83 12.52
C LYS A 8 8.52 -13.79 12.12
N ASN A 9 8.09 -12.58 11.78
CA ASN A 9 9.02 -11.62 11.19
C ASN A 9 9.31 -10.38 12.04
N GLY A 10 8.43 -10.03 12.96
CA GLY A 10 8.69 -8.96 13.89
C GLY A 10 8.96 -7.60 13.26
N GLN A 11 9.85 -6.85 13.88
CA GLN A 11 10.10 -5.46 13.50
C GLN A 11 10.94 -5.46 12.23
N LEU A 12 10.39 -4.95 11.14
CA LEU A 12 11.07 -4.91 9.86
C LEU A 12 12.08 -3.77 9.79
N GLN A 13 13.11 -3.92 8.96
CA GLN A 13 14.17 -2.92 8.81
C GLN A 13 14.50 -2.75 7.34
N VAL A 14 14.85 -1.53 6.96
CA VAL A 14 15.26 -1.22 5.61
C VAL A 14 16.77 -1.02 5.60
N VAL A 15 17.47 -1.81 4.80
CA VAL A 15 18.93 -1.67 4.66
C VAL A 15 19.22 -1.54 3.18
N GLY A 16 19.67 -0.36 2.76
CA GLY A 16 19.89 -0.12 1.35
C GLY A 16 18.56 -0.18 0.60
N THR A 17 18.48 -1.02 -0.42
CA THR A 17 17.22 -1.22 -1.16
C THR A 17 16.29 -2.25 -0.54
N ALA A 18 16.74 -2.94 0.51
CA ALA A 18 16.09 -4.17 0.93
C ALA A 18 15.29 -4.07 2.22
N LEU A 19 14.10 -4.67 2.19
CA LEU A 19 13.30 -4.88 3.38
C LEU A 19 13.68 -6.23 4.00
N LEU A 20 14.02 -6.18 5.28
CA LEU A 20 14.46 -7.36 6.04
C LEU A 20 13.57 -7.53 7.27
N ASN A 21 13.46 -8.79 7.72
CA ASN A 21 12.78 -9.09 8.97
C ASN A 21 13.69 -8.95 10.19
N ARG A 22 13.19 -9.29 11.37
CA ARG A 22 13.94 -9.06 12.60
C ARG A 22 15.26 -9.84 12.66
N ASP A 23 15.38 -10.91 11.89
CA ASP A 23 16.62 -11.69 11.81
C ASP A 23 17.56 -11.25 10.70
N GLY A 24 17.23 -10.17 10.00
CA GLY A 24 18.06 -9.69 8.91
C GLY A 24 17.86 -10.44 7.62
N LYS A 25 16.78 -11.21 7.53
CA LYS A 25 16.49 -12.00 6.35
C LYS A 25 15.62 -11.21 5.38
N PRO A 26 15.92 -11.30 4.09
CA PRO A 26 15.06 -10.63 3.11
C PRO A 26 13.62 -11.09 3.26
N PHE A 27 12.69 -10.15 3.18
CA PHE A 27 11.29 -10.44 3.45
C PHE A 27 10.37 -9.65 2.52
N GLN A 28 9.46 -10.37 1.86
CA GLN A 28 8.50 -9.77 0.94
C GLN A 28 7.12 -9.78 1.54
N LEU A 29 6.52 -8.60 1.65
CA LEU A 29 5.11 -8.48 2.00
C LEU A 29 4.29 -8.61 0.71
N ARG A 30 3.16 -9.31 0.80
CA ARG A 30 2.25 -9.51 -0.33
C ARG A 30 0.82 -9.46 0.18
N GLY A 31 -0.02 -8.62 -0.45
CA GLY A 31 -1.40 -8.55 -0.02
C GLY A 31 -2.26 -7.70 -0.92
N ILE A 32 -3.26 -7.08 -0.30
CA ILE A 32 -4.29 -6.38 -1.05
C ILE A 32 -4.79 -5.17 -0.27
N SER A 33 -5.24 -4.17 -1.04
CA SER A 33 -5.73 -2.90 -0.52
C SER A 33 -7.25 -2.89 -0.53
N THR A 34 -7.83 -2.27 0.48
CA THR A 34 -9.23 -1.84 0.35
C THR A 34 -9.33 -0.83 -0.81
N HIS A 35 -10.54 -0.67 -1.35
CA HIS A 35 -10.85 0.51 -2.17
C HIS A 35 -11.06 1.64 -1.14
N GLY A 36 -11.51 2.82 -1.54
CA GLY A 36 -11.72 3.87 -0.56
C GLY A 36 -12.57 3.44 0.61
N LEU A 37 -12.11 3.70 1.83
CA LEU A 37 -12.86 3.30 3.02
C LEU A 37 -14.20 4.02 3.15
N GLN A 38 -14.35 5.17 2.51
CA GLN A 38 -15.62 5.89 2.50
C GLN A 38 -16.64 5.26 1.59
N TRP A 39 -16.22 4.38 0.67
CA TRP A 39 -17.11 3.79 -0.32
C TRP A 39 -17.27 2.28 -0.14
N PHE A 40 -16.16 1.60 0.16
CA PHE A 40 -16.14 0.16 0.31
C PHE A 40 -15.49 -0.28 1.62
N GLY A 41 -15.75 0.48 2.68
CA GLY A 41 -15.25 0.20 4.02
C GLY A 41 -15.80 -1.06 4.67
N GLN A 42 -16.91 -1.58 4.15
CA GLN A 42 -17.52 -2.79 4.69
C GLN A 42 -16.57 -3.98 4.68
N PHE A 43 -15.58 -3.98 3.78
CA PHE A 43 -14.63 -5.09 3.67
C PHE A 43 -13.42 -4.95 4.60
N ALA A 44 -13.30 -3.82 5.29
CA ALA A 44 -12.15 -3.55 6.18
C ALA A 44 -12.48 -4.01 7.60
N ASN A 45 -12.50 -5.33 7.78
CA ASN A 45 -12.89 -5.92 9.07
C ASN A 45 -12.13 -7.20 9.34
N LYS A 46 -12.16 -7.64 10.59
CA LYS A 46 -11.35 -8.77 11.02
C LYS A 46 -11.73 -10.08 10.33
N ASP A 47 -12.98 -10.21 9.88
CA ASP A 47 -13.42 -11.45 9.25
C ASP A 47 -12.93 -11.57 7.81
N ALA A 48 -13.08 -10.48 7.02
CA ALA A 48 -12.46 -10.41 5.71
C ALA A 48 -10.94 -10.61 5.83
N PHE A 49 -10.32 -9.95 6.81
CA PHE A 49 -8.87 -10.02 6.92
C PHE A 49 -8.42 -11.42 7.32
N GLN A 50 -9.23 -12.13 8.10
CA GLN A 50 -8.84 -13.48 8.50
C GLN A 50 -8.90 -14.42 7.30
N THR A 51 -9.89 -14.24 6.42
CA THR A 51 -9.91 -14.98 5.17
C THR A 51 -8.64 -14.69 4.34
N LEU A 52 -8.24 -13.42 4.28
CA LEU A 52 -7.03 -13.08 3.56
C LEU A 52 -5.79 -13.77 4.14
N ARG A 53 -5.69 -13.79 5.48
CA ARG A 53 -4.54 -14.41 6.12
C ARG A 53 -4.55 -15.93 5.96
N ASP A 54 -5.67 -16.53 6.38
CA ASP A 54 -5.77 -17.99 6.50
C ASP A 54 -5.89 -18.69 5.15
N ASP A 55 -6.70 -18.12 4.25
CA ASP A 55 -7.01 -18.74 2.97
C ASP A 55 -6.25 -18.18 1.78
N TRP A 56 -6.08 -16.85 1.71
CA TRP A 56 -5.31 -16.28 0.60
C TRP A 56 -3.82 -16.29 0.87
N LYS A 57 -3.42 -16.35 2.15
CA LYS A 57 -2.01 -16.30 2.57
C LYS A 57 -1.36 -14.92 2.35
N ALA A 58 -2.18 -13.88 2.36
CA ALA A 58 -1.68 -12.49 2.43
C ALA A 58 -1.05 -12.26 3.78
N ASN A 59 -0.01 -11.42 3.81
CA ASN A 59 0.61 -11.04 5.08
C ASN A 59 0.55 -9.53 5.35
N VAL A 60 -0.11 -8.80 4.46
CA VAL A 60 -0.31 -7.35 4.65
C VAL A 60 -1.66 -6.95 4.07
N VAL A 61 -2.30 -5.97 4.71
CA VAL A 61 -3.48 -5.31 4.18
C VAL A 61 -3.24 -3.79 4.16
N ARG A 62 -3.89 -3.12 3.23
CA ARG A 62 -3.74 -1.66 3.06
C ARG A 62 -5.12 -1.01 3.22
N LEU A 63 -5.15 0.02 4.06
CA LEU A 63 -6.38 0.77 4.34
C LEU A 63 -6.33 2.10 3.60
N ALA A 64 -7.10 2.20 2.50
CA ALA A 64 -7.03 3.36 1.61
C ALA A 64 -7.95 4.46 2.13
N MET A 65 -7.39 5.38 2.90
CA MET A 65 -8.15 6.48 3.46
C MET A 65 -8.02 7.69 2.54
N TYR A 66 -8.96 7.84 1.63
CA TYR A 66 -8.99 9.05 0.78
C TYR A 66 -9.03 10.30 1.66
N THR A 67 -8.39 11.36 1.15
CA THR A 67 -8.23 12.62 1.87
C THR A 67 -9.13 13.72 1.28
N ASP A 68 -9.24 13.75 -0.04
CA ASP A 68 -9.95 14.80 -0.78
C ASP A 68 -11.39 14.96 -0.29
N PRO A 69 -11.77 16.17 0.17
CA PRO A 69 -13.14 16.32 0.67
C PRO A 69 -14.21 16.12 -0.41
N ASN A 70 -13.87 16.39 -1.66
CA ASN A 70 -14.80 16.14 -2.77
C ASN A 70 -15.06 14.66 -3.03
N ALA A 71 -14.14 13.80 -2.60
CA ALA A 71 -14.34 12.34 -2.62
C ALA A 71 -14.98 11.83 -1.34
N ASN A 72 -15.46 12.72 -0.47
CA ASN A 72 -15.88 12.32 0.89
C ASN A 72 -14.73 11.69 1.68
N GLY A 73 -13.54 12.24 1.47
CA GLY A 73 -12.36 11.79 2.20
C GLY A 73 -12.23 12.36 3.59
N TYR A 74 -11.08 12.11 4.20
CA TYR A 74 -10.79 12.49 5.57
C TYR A 74 -11.07 13.97 5.87
N ILE A 75 -10.75 14.84 4.93
CA ILE A 75 -10.98 16.28 5.18
C ILE A 75 -12.48 16.58 5.35
N ALA A 76 -13.36 15.87 4.63
CA ALA A 76 -14.81 16.04 4.84
C ALA A 76 -15.38 15.38 6.08
N GLN A 77 -14.80 14.28 6.54
CA GLN A 77 -15.38 13.52 7.61
C GLN A 77 -14.28 12.78 8.40
N PRO A 78 -13.47 13.55 9.13
CA PRO A 78 -12.25 12.97 9.70
C PRO A 78 -12.48 11.95 10.80
N GLU A 79 -13.39 12.21 11.73
CA GLU A 79 -13.60 11.25 12.80
C GLU A 79 -14.20 9.96 12.29
N TRP A 80 -15.13 10.04 11.34
CA TRP A 80 -15.79 8.85 10.83
C TRP A 80 -14.80 7.95 10.06
N LEU A 81 -13.94 8.55 9.25
CA LEU A 81 -12.89 7.78 8.55
C LEU A 81 -11.79 7.29 9.47
N LYS A 82 -11.38 8.12 10.44
CA LYS A 82 -10.36 7.67 11.40
C LYS A 82 -10.86 6.44 12.17
N ALA A 83 -12.14 6.42 12.54
CA ALA A 83 -12.68 5.26 13.24
C ALA A 83 -12.57 3.99 12.39
N LYS A 84 -12.80 4.10 11.07
CA LYS A 84 -12.65 2.94 10.18
C LYS A 84 -11.20 2.47 10.11
N VAL A 85 -10.27 3.42 10.04
CA VAL A 85 -8.85 3.08 10.04
C VAL A 85 -8.51 2.34 11.32
N LYS A 86 -8.95 2.85 12.46
CA LYS A 86 -8.64 2.16 13.72
C LYS A 86 -9.21 0.75 13.77
N GLU A 87 -10.44 0.57 13.32
CA GLU A 87 -10.99 -0.79 13.29
C GLU A 87 -10.12 -1.71 12.42
N GLY A 88 -9.67 -1.20 11.29
CA GLY A 88 -8.83 -1.99 10.39
C GLY A 88 -7.49 -2.37 10.98
N VAL A 89 -6.86 -1.41 11.67
CA VAL A 89 -5.55 -1.64 12.30
C VAL A 89 -5.72 -2.64 13.45
N GLU A 90 -6.75 -2.44 14.27
CA GLU A 90 -6.99 -3.36 15.39
C GLU A 90 -7.22 -4.79 14.88
N ALA A 91 -7.95 -4.93 13.79
CA ALA A 91 -8.17 -6.25 13.17
C ALA A 91 -6.85 -6.89 12.73
N ALA A 92 -6.03 -6.12 12.02
CA ALA A 92 -4.74 -6.61 11.61
C ALA A 92 -3.85 -6.98 12.79
N LYS A 93 -3.86 -6.18 13.85
CA LYS A 93 -3.06 -6.48 15.04
C LYS A 93 -3.49 -7.82 15.65
N GLU A 94 -4.80 -8.03 15.73
CA GLU A 94 -5.34 -9.27 16.33
C GLU A 94 -4.98 -10.53 15.53
N LEU A 95 -4.81 -10.36 14.22
CA LEU A 95 -4.48 -11.44 13.32
C LEU A 95 -2.97 -11.56 13.06
N GLY A 96 -2.16 -10.69 13.66
CA GLY A 96 -0.71 -10.69 13.40
C GLY A 96 -0.32 -10.39 11.97
N MET A 97 -1.06 -9.48 11.33
CA MET A 97 -0.77 -9.07 9.97
C MET A 97 -0.17 -7.66 10.00
N TYR A 98 0.65 -7.38 9.00
CA TYR A 98 1.12 -6.02 8.78
C TYR A 98 -0.03 -5.23 8.14
N VAL A 99 -0.04 -3.92 8.38
CA VAL A 99 -1.14 -3.11 7.93
C VAL A 99 -0.65 -1.73 7.57
N ILE A 100 -1.01 -1.32 6.35
CA ILE A 100 -0.62 0.00 5.83
C ILE A 100 -1.75 0.97 6.02
N ILE A 101 -1.45 2.10 6.68
CA ILE A 101 -2.39 3.20 6.79
C ILE A 101 -2.03 4.16 5.64
N ASP A 102 -2.92 4.25 4.65
CA ASP A 102 -2.65 4.99 3.44
C ASP A 102 -3.41 6.31 3.41
N TRP A 103 -2.66 7.42 3.48
CA TRP A 103 -3.16 8.77 3.29
C TRP A 103 -3.33 8.96 1.79
N HIS A 104 -4.55 8.67 1.33
CA HIS A 104 -4.77 8.34 -0.06
C HIS A 104 -5.14 9.58 -0.87
N ILE A 105 -4.13 10.42 -1.09
CA ILE A 105 -4.27 11.57 -1.97
C ILE A 105 -4.44 11.11 -3.41
N LEU A 106 -5.16 11.90 -4.19
CA LEU A 106 -5.33 11.58 -5.61
C LEU A 106 -5.74 12.84 -6.37
N ASN A 107 -7.01 13.23 -6.34
CA ASN A 107 -7.38 14.48 -7.03
C ASN A 107 -6.79 15.68 -6.32
N ASP A 108 -6.59 15.55 -5.02
CA ASP A 108 -5.77 16.48 -4.24
C ASP A 108 -4.30 16.08 -4.48
N ASN A 109 -3.82 16.45 -5.66
CA ASN A 109 -2.62 15.86 -6.26
C ASN A 109 -1.28 16.31 -5.65
N ASP A 110 -1.32 17.39 -4.87
CA ASP A 110 -0.16 17.89 -4.12
C ASP A 110 -0.37 17.58 -2.64
N PRO A 111 0.51 16.76 -2.02
CA PRO A 111 0.32 16.40 -0.63
C PRO A 111 0.42 17.59 0.34
N ASN A 112 1.04 18.67 -0.11
CA ASN A 112 1.14 19.83 0.75
C ASN A 112 -0.20 20.46 1.09
N LEU A 113 -1.23 20.23 0.26
CA LEU A 113 -2.54 20.90 0.48
C LEU A 113 -3.09 20.60 1.87
N TYR A 114 -2.95 19.35 2.32
CA TYR A 114 -3.46 18.96 3.63
C TYR A 114 -2.36 18.51 4.57
N LYS A 115 -1.21 19.16 4.47
CA LYS A 115 -0.05 18.76 5.29
C LYS A 115 -0.27 18.86 6.80
N GLU A 116 -0.94 19.92 7.27
CA GLU A 116 -1.15 20.03 8.71
C GLU A 116 -2.03 18.91 9.24
N GLN A 117 -3.06 18.58 8.47
CA GLN A 117 -3.99 17.54 8.84
C GLN A 117 -3.26 16.18 8.80
N ALA A 118 -2.41 16.00 7.82
CA ALA A 118 -1.62 14.78 7.70
C ALA A 118 -0.69 14.59 8.90
N LYS A 119 -0.01 15.66 9.31
CA LYS A 119 0.86 15.60 10.49
C LYS A 119 0.10 15.20 11.75
N ARG A 120 -1.06 15.82 11.98
CA ARG A 120 -1.84 15.51 13.18
C ARG A 120 -2.38 14.09 13.16
N PHE A 121 -2.83 13.67 11.97
CA PHE A 121 -3.38 12.34 11.81
C PHE A 121 -2.30 11.30 12.09
N PHE A 122 -1.17 11.44 11.42
CA PHE A 122 -0.09 10.44 11.59
C PHE A 122 0.55 10.45 12.96
N ALA A 123 0.62 11.62 13.60
CA ALA A 123 1.05 11.68 14.99
C ALA A 123 0.14 10.84 15.89
N GLU A 124 -1.18 10.98 15.71
CA GLU A 124 -2.13 10.15 16.43
C GLU A 124 -1.95 8.68 16.14
N MET A 125 -1.83 8.33 14.87
CA MET A 125 -1.66 6.90 14.52
C MET A 125 -0.39 6.35 15.13
N ALA A 126 0.66 7.14 15.13
CA ALA A 126 1.94 6.67 15.70
C ALA A 126 1.89 6.52 17.23
N ARG A 127 1.13 7.37 17.93
CA ARG A 127 1.00 7.24 19.36
C ARG A 127 0.17 6.03 19.71
N GLU A 128 -0.81 5.70 18.86
CA GLU A 128 -1.68 4.56 19.14
C GLU A 128 -1.08 3.21 18.77
N TYR A 129 -0.37 3.19 17.64
CA TYR A 129 0.04 1.92 17.03
C TYR A 129 1.54 1.78 16.81
N GLY A 130 2.33 2.79 17.14
CA GLY A 130 3.77 2.75 16.89
C GLY A 130 4.58 1.83 17.78
N ASN A 131 3.90 1.18 18.71
CA ASN A 131 4.53 0.36 19.73
C ASN A 131 4.57 -1.12 19.40
N THR A 132 4.01 -1.52 18.24
CA THR A 132 4.14 -2.90 17.76
C THR A 132 4.57 -2.86 16.29
N PRO A 133 5.03 -4.00 15.74
CA PRO A 133 5.61 -3.96 14.38
C PRO A 133 4.62 -3.77 13.24
N ASN A 134 3.33 -3.93 13.52
CA ASN A 134 2.34 -4.13 12.44
C ASN A 134 2.20 -2.95 11.49
N VAL A 135 2.11 -1.75 12.05
CA VAL A 135 1.69 -0.59 11.25
C VAL A 135 2.79 -0.09 10.35
N ILE A 136 2.37 0.27 9.14
CA ILE A 136 3.20 0.90 8.12
C ILE A 136 2.48 2.18 7.71
N TYR A 137 3.22 3.29 7.64
CA TYR A 137 2.61 4.59 7.36
C TYR A 137 2.88 4.96 5.91
N GLU A 138 1.84 5.00 5.09
CA GLU A 138 1.96 5.45 3.71
C GLU A 138 1.45 6.89 3.61
N ILE A 139 2.38 7.85 3.52
CA ILE A 139 2.05 9.26 3.83
C ILE A 139 1.48 10.09 2.66
N ALA A 140 1.56 9.56 1.43
CA ALA A 140 1.02 10.27 0.27
C ALA A 140 0.89 9.32 -0.92
N ASN A 141 -0.27 8.70 -1.02
CA ASN A 141 -0.52 7.67 -2.07
C ASN A 141 0.09 7.97 -3.43
N GLU A 142 -0.45 8.99 -4.10
CA GLU A 142 -0.10 9.30 -5.49
C GLU A 142 -0.03 10.81 -5.78
N PRO A 143 1.11 11.44 -5.43
CA PRO A 143 1.40 12.75 -6.03
C PRO A 143 1.24 12.63 -7.53
N ASN A 144 0.68 13.67 -8.17
CA ASN A 144 0.55 13.64 -9.62
C ASN A 144 0.40 15.07 -10.13
N GLY A 145 0.44 15.23 -11.45
CA GLY A 145 0.44 16.58 -12.02
C GLY A 145 1.83 17.20 -11.85
N ASP A 146 1.88 18.53 -11.79
CA ASP A 146 3.14 19.23 -11.66
C ASP A 146 3.58 19.25 -10.20
N VAL A 147 3.99 18.07 -9.73
CA VAL A 147 4.28 17.85 -8.33
C VAL A 147 5.50 16.93 -8.30
N THR A 148 6.68 17.54 -8.19
CA THR A 148 7.93 16.79 -8.31
C THR A 148 8.54 16.48 -6.96
N TRP A 149 9.47 15.53 -6.97
CA TRP A 149 10.19 15.14 -5.77
C TRP A 149 10.86 16.34 -5.06
N GLU A 150 11.69 17.06 -5.81
CA GLU A 150 12.48 18.14 -5.21
C GLU A 150 11.60 19.30 -4.77
N GLU A 151 10.63 19.65 -5.60
CA GLU A 151 9.83 20.85 -5.38
C GLU A 151 8.74 20.67 -4.31
N LYS A 152 8.05 19.52 -4.31
CA LYS A 152 6.84 19.40 -3.48
C LYS A 152 6.75 18.15 -2.61
N ILE A 153 7.16 17.01 -3.15
CA ILE A 153 6.95 15.74 -2.41
C ILE A 153 7.92 15.60 -1.26
N ARG A 154 9.21 15.79 -1.52
CA ARG A 154 10.19 15.68 -0.47
C ARG A 154 10.00 16.65 0.70
N PRO A 155 9.69 17.93 0.41
CA PRO A 155 9.43 18.86 1.51
C PRO A 155 8.27 18.39 2.39
N TYR A 156 7.18 17.95 1.76
CA TYR A 156 6.06 17.39 2.50
C TYR A 156 6.52 16.21 3.37
N ALA A 157 7.22 15.28 2.72
CA ALA A 157 7.63 14.04 3.38
C ALA A 157 8.58 14.29 4.55
N ASP A 158 9.51 15.23 4.38
CA ASP A 158 10.45 15.51 5.44
C ASP A 158 9.76 15.97 6.71
N GLU A 159 8.78 16.87 6.57
CA GLU A 159 8.07 17.35 7.75
C GLU A 159 7.21 16.27 8.40
N VAL A 160 6.49 15.49 7.58
CA VAL A 160 5.63 14.46 8.14
C VAL A 160 6.47 13.34 8.77
N ILE A 161 7.58 12.99 8.13
CA ILE A 161 8.44 11.94 8.67
C ILE A 161 9.04 12.39 10.01
N ARG A 162 9.47 13.64 10.10
CA ARG A 162 9.98 14.12 11.39
C ARG A 162 8.94 14.00 12.52
N THR A 163 7.70 14.32 12.20
CA THR A 163 6.63 14.15 13.17
C THR A 163 6.51 12.69 13.56
N ILE A 164 6.40 11.80 12.58
CA ILE A 164 6.24 10.39 12.91
C ILE A 164 7.43 9.85 13.70
N ARG A 165 8.65 10.17 13.25
CA ARG A 165 9.84 9.63 13.86
C ARG A 165 10.13 10.18 15.25
N SER A 166 9.49 11.28 15.63
CA SER A 166 9.60 11.77 17.02
C SER A 166 8.87 10.86 17.99
N ILE A 167 7.98 10.03 17.47
CA ILE A 167 7.15 9.13 18.25
C ILE A 167 7.50 7.68 18.00
N ASP A 168 7.55 7.30 16.73
CA ASP A 168 7.77 5.91 16.32
C ASP A 168 9.09 5.87 15.54
N ARG A 169 10.13 5.41 16.21
CA ARG A 169 11.48 5.45 15.66
C ARG A 169 11.73 4.52 14.48
N ASP A 170 10.91 3.47 14.36
CA ASP A 170 11.27 2.37 13.47
C ASP A 170 10.21 1.82 12.52
N ASN A 171 8.91 1.98 12.79
CA ASN A 171 7.95 1.37 11.85
C ASN A 171 8.08 1.99 10.46
N LEU A 172 7.89 1.16 9.44
CA LEU A 172 8.14 1.57 8.07
C LEU A 172 7.29 2.76 7.65
N ILE A 173 7.90 3.72 6.92
CA ILE A 173 7.19 4.81 6.28
C ILE A 173 7.43 4.67 4.78
N ILE A 174 6.37 4.75 3.99
CA ILE A 174 6.46 4.64 2.53
C ILE A 174 5.99 5.97 1.95
N VAL A 175 6.80 6.55 1.09
CA VAL A 175 6.55 7.88 0.51
C VAL A 175 6.26 7.77 -0.99
N GLY A 176 5.16 8.36 -1.42
CA GLY A 176 4.79 8.39 -2.82
C GLY A 176 5.72 9.18 -3.69
N THR A 177 5.64 8.91 -4.98
CA THR A 177 6.55 9.53 -5.95
C THR A 177 5.75 10.19 -7.06
N GLY A 178 6.43 10.94 -7.91
CA GLY A 178 5.76 11.71 -8.93
C GLY A 178 5.06 10.86 -9.98
N THR A 179 4.15 11.50 -10.73
CA THR A 179 3.38 10.86 -11.78
C THR A 179 2.68 9.58 -11.29
N TRP A 180 1.83 9.73 -10.28
CA TRP A 180 1.07 8.61 -9.68
C TRP A 180 2.01 7.53 -9.19
N SER A 181 3.04 7.95 -8.47
CA SER A 181 4.03 7.04 -7.90
C SER A 181 4.72 6.17 -8.95
N GLN A 182 5.12 6.83 -10.03
CA GLN A 182 5.99 6.24 -11.05
C GLN A 182 7.43 6.75 -10.97
N ASP A 183 7.64 7.97 -10.52
CA ASP A 183 8.94 8.64 -10.70
C ASP A 183 9.92 8.32 -9.56
N VAL A 184 10.09 7.03 -9.30
CA VAL A 184 11.00 6.57 -8.27
C VAL A 184 12.45 6.94 -8.60
N ASP A 185 12.73 7.10 -9.90
CA ASP A 185 14.07 7.48 -10.36
C ASP A 185 14.50 8.90 -10.01
N ASP A 186 13.61 9.71 -9.47
CA ASP A 186 13.95 11.07 -9.01
C ASP A 186 14.37 11.17 -7.54
N VAL A 187 14.14 10.11 -6.75
CA VAL A 187 14.41 10.17 -5.33
C VAL A 187 15.91 10.26 -5.00
N ALA A 188 16.72 9.51 -5.73
CA ALA A 188 18.14 9.41 -5.37
C ALA A 188 18.88 10.75 -5.49
N SER A 189 18.31 11.68 -6.26
CA SER A 189 18.86 13.04 -6.35
C SER A 189 18.84 13.78 -5.01
N ASP A 190 17.86 13.48 -4.15
CA ASP A 190 17.86 13.96 -2.77
C ASP A 190 17.05 13.04 -1.87
N PRO A 191 17.67 11.95 -1.39
CA PRO A 191 16.93 10.99 -0.55
C PRO A 191 16.69 11.54 0.85
N LEU A 192 15.83 10.87 1.60
CA LEU A 192 15.46 11.30 2.94
C LEU A 192 16.34 10.57 3.95
N PRO A 193 17.01 11.30 4.85
CA PRO A 193 17.96 10.71 5.77
C PRO A 193 17.31 10.27 7.08
N TYR A 194 16.34 9.37 6.99
CA TYR A 194 15.67 8.84 8.14
C TYR A 194 15.71 7.32 8.09
N LYS A 195 15.52 6.71 9.24
CA LYS A 195 15.45 5.25 9.40
C LYS A 195 14.18 4.73 8.75
N ASN A 196 14.30 3.61 8.03
CA ASN A 196 13.16 2.79 7.58
C ASN A 196 12.14 3.50 6.69
N ILE A 197 12.66 4.13 5.63
CA ILE A 197 11.86 4.80 4.64
C ILE A 197 11.99 4.03 3.32
N MET A 198 10.84 3.83 2.67
CA MET A 198 10.84 3.25 1.33
C MET A 198 9.98 4.13 0.44
N TYR A 199 10.05 3.87 -0.86
CA TYR A 199 9.43 4.76 -1.86
C TYR A 199 8.48 3.96 -2.75
N ALA A 200 7.31 4.54 -3.02
CA ALA A 200 6.24 3.84 -3.73
C ALA A 200 6.40 3.80 -5.23
N LEU A 201 6.11 2.62 -5.76
CA LEU A 201 5.96 2.38 -7.17
C LEU A 201 4.57 1.79 -7.41
N HIS A 202 3.81 2.39 -8.34
CA HIS A 202 2.45 1.93 -8.68
C HIS A 202 2.39 1.66 -10.17
N PHE A 203 1.67 0.61 -10.54
CA PHE A 203 1.48 0.28 -11.95
C PHE A 203 0.16 -0.44 -12.21
N TYR A 204 -0.29 -0.41 -13.46
CA TYR A 204 -1.36 -1.26 -13.96
C TYR A 204 -0.82 -2.14 -15.07
N ALA A 205 -1.09 -3.43 -14.96
CA ALA A 205 -0.54 -4.40 -15.90
C ALA A 205 -0.96 -4.15 -17.35
N GLY A 206 -2.13 -3.56 -17.56
CA GLY A 206 -2.60 -3.24 -18.91
C GLY A 206 -2.08 -1.94 -19.50
N THR A 207 -1.27 -1.20 -18.74
CA THR A 207 -0.81 0.11 -19.13
C THR A 207 0.72 0.24 -19.13
N HIS A 208 1.36 -0.22 -18.05
CA HIS A 208 2.80 -0.04 -17.87
C HIS A 208 3.58 -1.31 -18.09
N GLY A 209 4.78 -1.17 -18.61
CA GLY A 209 5.59 -2.32 -18.95
C GLY A 209 7.05 -2.05 -18.69
N GLN A 210 7.90 -2.41 -19.66
CA GLN A 210 9.31 -2.43 -19.42
C GLN A 210 9.88 -1.04 -19.15
N PHE A 211 9.31 0.00 -19.76
CA PHE A 211 9.77 1.37 -19.55
C PHE A 211 9.71 1.74 -18.06
N LEU A 212 8.65 1.33 -17.39
CA LEU A 212 8.52 1.58 -15.96
C LEU A 212 9.44 0.66 -15.14
N ARG A 213 9.60 -0.61 -15.52
CA ARG A 213 10.60 -1.48 -14.86
C ARG A 213 12.01 -0.89 -14.99
N ASP A 214 12.32 -0.27 -16.13
CA ASP A 214 13.67 0.35 -16.29
C ASP A 214 13.86 1.51 -15.29
N LYS A 215 12.81 2.29 -15.09
CA LYS A 215 12.84 3.39 -14.13
C LYS A 215 13.07 2.88 -12.70
N ALA A 216 12.37 1.78 -12.37
CA ALA A 216 12.55 1.11 -11.07
C ALA A 216 13.98 0.61 -10.89
N ASN A 217 14.49 -0.05 -11.92
CA ASN A 217 15.85 -0.55 -11.88
C ASN A 217 16.86 0.58 -11.74
N TYR A 218 16.65 1.69 -12.44
CA TYR A 218 17.54 2.84 -12.29
C TYR A 218 17.53 3.31 -10.82
N ALA A 219 16.34 3.48 -10.26
CA ALA A 219 16.21 3.86 -8.86
C ALA A 219 16.94 2.90 -7.92
N LEU A 220 16.70 1.60 -8.09
CA LEU A 220 17.36 0.59 -7.30
C LEU A 220 18.88 0.67 -7.42
N SER A 221 19.34 0.91 -8.64
CA SER A 221 20.78 1.00 -8.88
C SER A 221 21.46 2.15 -8.12
N LYS A 222 20.72 3.21 -7.80
CA LYS A 222 21.20 4.34 -7.05
C LYS A 222 20.93 4.20 -5.56
N GLY A 223 20.38 3.05 -5.14
CA GLY A 223 20.14 2.76 -3.73
C GLY A 223 18.76 3.04 -3.18
N THR A 224 17.80 3.34 -4.06
CA THR A 224 16.46 3.71 -3.62
C THR A 224 15.63 2.45 -3.33
N PRO A 225 15.18 2.28 -2.07
CA PRO A 225 14.30 1.15 -1.76
C PRO A 225 12.88 1.37 -2.28
N ILE A 226 12.34 0.37 -3.00
CA ILE A 226 10.99 0.44 -3.59
C ILE A 226 10.03 -0.55 -2.94
N PHE A 227 8.77 -0.10 -2.78
CA PHE A 227 7.68 -0.93 -2.25
C PHE A 227 6.47 -0.64 -3.12
N VAL A 228 5.86 -1.67 -3.70
CA VAL A 228 4.67 -1.47 -4.53
C VAL A 228 3.43 -1.46 -3.64
N THR A 229 2.98 -0.28 -3.23
CA THR A 229 1.80 -0.23 -2.33
C THR A 229 0.49 -0.28 -3.11
N GLU A 230 0.54 -0.24 -4.44
CA GLU A 230 -0.69 -0.36 -5.23
C GLU A 230 -0.40 -0.80 -6.66
N TRP A 231 -1.03 -1.87 -7.10
CA TRP A 231 -0.94 -2.24 -8.50
C TRP A 231 -2.23 -2.91 -8.95
N GLY A 232 -2.58 -2.79 -10.23
CA GLY A 232 -3.80 -3.41 -10.77
C GLY A 232 -3.53 -4.35 -11.92
N THR A 233 -4.43 -5.32 -12.08
CA THR A 233 -4.40 -6.28 -13.17
C THR A 233 -5.08 -5.76 -14.42
N SER A 234 -5.80 -4.64 -14.32
CA SER A 234 -6.49 -4.08 -15.50
C SER A 234 -5.64 -3.00 -16.16
N ASP A 235 -6.22 -2.22 -17.04
CA ASP A 235 -5.52 -1.04 -17.55
C ASP A 235 -5.95 0.20 -16.77
N ALA A 236 -5.25 1.32 -16.97
CA ALA A 236 -5.43 2.52 -16.16
C ALA A 236 -6.88 2.99 -16.17
N SER A 237 -7.53 2.91 -17.34
CA SER A 237 -8.94 3.25 -17.48
C SER A 237 -9.86 2.20 -16.87
N GLY A 238 -9.43 0.95 -16.94
CA GLY A 238 -10.21 -0.18 -16.43
C GLY A 238 -11.12 -0.82 -17.48
N ASP A 239 -11.10 -0.29 -18.70
CA ASP A 239 -12.02 -0.77 -19.75
C ASP A 239 -11.49 -1.95 -20.58
N GLY A 240 -10.26 -2.42 -20.31
CA GLY A 240 -9.66 -3.52 -21.10
C GLY A 240 -9.91 -4.95 -20.62
N GLY A 241 -10.65 -5.13 -19.53
CA GLY A 241 -10.72 -6.43 -18.85
C GLY A 241 -9.43 -6.59 -18.05
N VAL A 242 -8.95 -7.82 -17.90
CA VAL A 242 -7.79 -8.13 -17.07
C VAL A 242 -6.61 -8.55 -17.98
N PHE A 243 -5.39 -8.36 -17.49
CA PHE A 243 -4.16 -8.56 -18.28
C PHE A 243 -3.24 -9.48 -17.47
N LEU A 244 -3.62 -10.75 -17.39
CA LEU A 244 -2.96 -11.67 -16.47
C LEU A 244 -1.54 -12.08 -16.87
N ASP A 245 -1.24 -12.19 -18.16
CA ASP A 245 0.13 -12.52 -18.52
C ASP A 245 1.06 -11.34 -18.22
N GLN A 246 0.58 -10.11 -18.42
CA GLN A 246 1.35 -8.90 -18.09
C GLN A 246 1.51 -8.77 -16.56
N SER A 247 0.47 -9.14 -15.82
CA SER A 247 0.53 -9.20 -14.34
C SER A 247 1.59 -10.21 -13.90
N ARG A 248 1.60 -11.40 -14.53
CA ARG A 248 2.60 -12.43 -14.19
C ARG A 248 4.01 -11.92 -14.44
N GLU A 249 4.20 -11.23 -15.55
CA GLU A 249 5.52 -10.65 -15.88
C GLU A 249 5.98 -9.64 -14.82
N TRP A 250 5.07 -8.77 -14.42
CA TRP A 250 5.38 -7.82 -13.36
C TRP A 250 5.69 -8.52 -12.05
N LEU A 251 4.89 -9.51 -11.66
CA LEU A 251 5.14 -10.19 -10.38
C LEU A 251 6.44 -10.99 -10.40
N LYS A 252 6.81 -11.54 -11.56
CA LYS A 252 8.12 -12.20 -11.70
C LYS A 252 9.24 -11.20 -11.43
N TYR A 253 9.10 -10.00 -12.01
CA TYR A 253 10.08 -8.95 -11.80
C TYR A 253 10.15 -8.56 -10.30
N LEU A 254 9.01 -8.31 -9.68
CA LEU A 254 9.03 -7.90 -8.27
C LEU A 254 9.62 -8.99 -7.38
N ASP A 255 9.26 -10.25 -7.64
CA ASP A 255 9.80 -11.37 -6.84
C ASP A 255 11.32 -11.47 -7.01
N SER A 256 11.81 -11.23 -8.23
CA SER A 256 13.24 -11.30 -8.48
C SER A 256 14.04 -10.27 -7.65
N LYS A 257 13.40 -9.14 -7.35
CA LYS A 257 13.99 -8.04 -6.60
C LYS A 257 13.50 -8.03 -5.13
N THR A 258 12.76 -9.06 -4.73
CA THR A 258 12.16 -9.16 -3.39
C THR A 258 11.44 -7.86 -3.03
N ILE A 259 10.69 -7.32 -3.98
CA ILE A 259 9.90 -6.11 -3.76
C ILE A 259 8.49 -6.50 -3.30
N SER A 260 8.07 -5.88 -2.19
CA SER A 260 6.78 -6.09 -1.62
C SER A 260 5.68 -5.52 -2.53
N TRP A 261 4.49 -6.14 -2.50
CA TRP A 261 3.40 -5.71 -3.36
C TRP A 261 2.05 -5.82 -2.75
N VAL A 262 1.20 -4.88 -3.16
CA VAL A 262 -0.16 -4.79 -2.69
C VAL A 262 -1.09 -4.55 -3.87
N ASN A 263 -1.98 -5.50 -4.13
CA ASN A 263 -2.96 -5.38 -5.20
C ASN A 263 -4.11 -4.44 -4.87
N TRP A 264 -4.68 -3.81 -5.89
CA TRP A 264 -5.88 -3.01 -5.77
C TRP A 264 -6.98 -3.68 -6.60
N SER A 265 -8.15 -4.04 -6.04
CA SER A 265 -8.56 -3.81 -4.66
C SER A 265 -9.53 -4.87 -4.19
N LEU A 266 -9.67 -4.93 -2.88
CA LEU A 266 -10.61 -5.84 -2.20
C LEU A 266 -11.98 -5.18 -2.06
N CYS A 267 -12.74 -5.20 -3.13
CA CYS A 267 -14.12 -4.73 -3.07
C CYS A 267 -14.89 -5.44 -4.16
N ASP A 268 -16.19 -5.17 -4.23
CA ASP A 268 -17.08 -5.80 -5.20
C ASP A 268 -17.64 -4.80 -6.19
N LYS A 269 -16.89 -3.72 -6.47
CA LYS A 269 -17.28 -2.76 -7.48
C LYS A 269 -17.24 -3.45 -8.84
N ASN A 270 -18.16 -3.06 -9.73
CA ASN A 270 -18.19 -3.68 -11.05
C ASN A 270 -17.13 -3.04 -11.95
N GLU A 271 -15.86 -3.39 -11.71
CA GLU A 271 -14.73 -2.93 -12.50
C GLU A 271 -13.67 -4.05 -12.52
N ALA A 272 -12.86 -4.12 -13.56
CA ALA A 272 -11.96 -5.27 -13.79
C ALA A 272 -10.94 -5.51 -12.66
N SER A 273 -10.47 -4.45 -12.01
CA SER A 273 -9.46 -4.61 -10.97
C SER A 273 -10.05 -5.07 -9.61
N ALA A 274 -11.38 -4.97 -9.43
CA ALA A 274 -11.99 -5.44 -8.19
C ALA A 274 -11.86 -6.94 -8.01
N ALA A 275 -11.45 -7.37 -6.82
CA ALA A 275 -11.17 -8.80 -6.58
C ALA A 275 -12.43 -9.63 -6.33
N LEU A 276 -13.53 -8.97 -5.97
CA LEU A 276 -14.77 -9.66 -5.59
C LEU A 276 -15.88 -9.32 -6.56
N ARG A 277 -16.80 -10.26 -6.74
CA ARG A 277 -17.99 -10.00 -7.56
C ARG A 277 -19.09 -9.33 -6.75
N PRO A 278 -19.95 -8.54 -7.42
CA PRO A 278 -21.03 -7.86 -6.71
C PRO A 278 -21.82 -8.78 -5.79
N GLY A 279 -22.08 -8.30 -4.58
CA GLY A 279 -22.79 -9.07 -3.56
C GLY A 279 -21.94 -9.91 -2.64
N ALA A 280 -20.63 -10.00 -2.89
CA ALA A 280 -19.72 -10.75 -2.03
C ALA A 280 -19.84 -10.31 -0.57
N ASP A 281 -19.81 -11.28 0.32
CA ASP A 281 -20.00 -11.06 1.75
C ASP A 281 -18.89 -10.17 2.31
N PRO A 282 -19.24 -9.04 2.94
CA PRO A 282 -18.23 -8.22 3.61
C PRO A 282 -17.37 -8.97 4.63
N HIS A 283 -17.89 -10.04 5.20
CA HIS A 283 -17.19 -10.73 6.29
C HIS A 283 -16.38 -11.94 5.83
N GLY A 284 -16.07 -12.01 4.54
CA GLY A 284 -15.10 -12.98 4.04
C GLY A 284 -15.70 -14.32 3.72
N GLY A 285 -14.84 -15.34 3.71
CA GLY A 285 -15.23 -16.70 3.32
C GLY A 285 -15.71 -16.83 1.88
N TRP A 286 -15.15 -16.05 0.96
CA TRP A 286 -15.68 -15.97 -0.39
C TRP A 286 -15.46 -17.24 -1.20
N GLY A 287 -16.57 -17.83 -1.65
CA GLY A 287 -16.49 -18.91 -2.62
C GLY A 287 -16.08 -18.36 -3.98
N ASP A 288 -15.71 -19.27 -4.87
CA ASP A 288 -15.24 -18.93 -6.22
C ASP A 288 -16.26 -18.09 -7.01
N ASP A 289 -17.54 -18.33 -6.78
CA ASP A 289 -18.61 -17.57 -7.40
C ASP A 289 -18.50 -16.07 -7.16
N HIS A 290 -17.90 -15.69 -6.02
CA HIS A 290 -17.81 -14.29 -5.66
C HIS A 290 -16.40 -13.71 -5.72
N LEU A 291 -15.46 -14.48 -6.26
CA LEU A 291 -14.19 -13.92 -6.69
C LEU A 291 -14.24 -13.62 -8.17
N SER A 292 -13.79 -12.42 -8.53
CA SER A 292 -13.66 -12.05 -9.92
C SER A 292 -12.44 -12.73 -10.58
N ASP A 293 -12.28 -12.52 -11.87
CA ASP A 293 -11.11 -13.05 -12.57
C ASP A 293 -9.83 -12.52 -11.93
N SER A 294 -9.82 -11.21 -11.63
CA SER A 294 -8.68 -10.60 -10.96
C SER A 294 -8.47 -11.23 -9.56
N GLY A 295 -9.54 -11.36 -8.77
CA GLY A 295 -9.45 -11.91 -7.43
C GLY A 295 -8.99 -13.37 -7.39
N ARG A 296 -9.50 -14.17 -8.32
CA ARG A 296 -9.05 -15.57 -8.45
C ARG A 296 -7.55 -15.65 -8.73
N PHE A 297 -7.04 -14.79 -9.59
CA PHE A 297 -5.61 -14.73 -9.92
C PHE A 297 -4.79 -14.31 -8.69
N ILE A 298 -5.24 -13.26 -8.00
CA ILE A 298 -4.47 -12.76 -6.86
C ILE A 298 -4.40 -13.78 -5.74
N LYS A 299 -5.54 -14.41 -5.45
CA LYS A 299 -5.59 -15.45 -4.43
C LYS A 299 -4.62 -16.59 -4.77
N ALA A 300 -4.68 -17.05 -6.01
CA ALA A 300 -3.81 -18.14 -6.44
C ALA A 300 -2.33 -17.76 -6.37
N LYS A 301 -2.00 -16.51 -6.72
CA LYS A 301 -0.61 -16.07 -6.70
C LYS A 301 -0.09 -15.96 -5.28
N LEU A 302 -0.92 -15.48 -4.36
CA LEU A 302 -0.53 -15.41 -2.96
C LEU A 302 -0.29 -16.80 -2.37
N ILE A 303 -1.18 -17.73 -2.67
CA ILE A 303 -1.01 -19.10 -2.19
C ILE A 303 0.27 -19.69 -2.77
N GLU A 304 0.49 -19.50 -4.07
CA GLU A 304 1.65 -20.03 -4.77
C GLU A 304 2.97 -19.49 -4.20
N ALA A 305 2.96 -18.23 -3.78
CA ALA A 305 4.18 -17.58 -3.28
C ALA A 305 4.61 -18.18 -1.95
N LEU A 306 3.64 -18.50 -1.10
CA LEU A 306 3.92 -19.07 0.20
C LEU A 306 4.49 -20.47 -0.02
N GLU A 307 3.87 -21.22 -0.92
CA GLU A 307 4.44 -22.47 -1.44
C GLU A 307 5.90 -22.24 -1.85
#